data_4Q14
#
_entry.id   4Q14
#
_cell.length_a   83.190
_cell.length_b   83.190
_cell.length_c   153.110
_cell.angle_alpha   90.00
_cell.angle_beta   90.00
_cell.angle_gamma   120.00
#
_symmetry.space_group_name_H-M   'P 65 2 2'
#
loop_
_entity.id
_entity.type
_entity.pdbx_description
1 polymer '5-hydroxyisourate hydrolase'
2 non-polymer 'CHLORIDE ION'
3 non-polymer 'CITRIC ACID'
4 water water
#
_entity_poly.entity_id   1
_entity_poly.type   'polypeptide(L)'
_entity_poly.pdbx_seq_one_letter_code
;MAHHHHHHMGTLEAQTQGPGSMGKLSTHVLDTAHGTPAAAMRVELYRIAASGTPELLKRVVTNLDGRTDAPLLSGDEMRT
GIYELQFHVAEYFEGRGAELAHEPFLDLIPIRFGIADEDGNYHVPLLVSPWSYSTYRGS
;
_entity_poly.pdbx_strand_id   A,B
#
loop_
_chem_comp.id
_chem_comp.type
_chem_comp.name
_chem_comp.formula
CIT non-polymer 'CITRIC ACID' 'C6 H8 O7'
CL non-polymer 'CHLORIDE ION' 'Cl -1'
#
# COMPACT_ATOMS: atom_id res chain seq x y z
N MET A 22 -26.82 3.89 6.02
CA MET A 22 -25.97 4.77 6.83
C MET A 22 -24.54 4.82 6.30
N GLY A 23 -23.71 3.89 6.74
CA GLY A 23 -22.31 3.88 6.36
C GLY A 23 -22.08 3.39 4.94
N LYS A 24 -20.85 3.58 4.46
CA LYS A 24 -20.52 3.25 3.09
C LYS A 24 -19.01 3.17 2.92
N LEU A 25 -18.55 2.31 2.03
CA LEU A 25 -17.14 2.29 1.64
C LEU A 25 -17.08 2.45 0.13
N SER A 26 -16.25 3.37 -0.36
CA SER A 26 -16.12 3.56 -1.80
C SER A 26 -14.66 3.79 -2.20
N THR A 27 -14.37 3.66 -3.50
CA THR A 27 -13.04 3.96 -4.01
C THR A 27 -13.13 4.73 -5.33
N HIS A 28 -12.01 5.30 -5.74
CA HIS A 28 -11.94 6.10 -6.98
C HIS A 28 -10.50 6.04 -7.44
N VAL A 29 -10.25 5.45 -8.62
CA VAL A 29 -8.87 5.27 -9.07
C VAL A 29 -8.57 6.24 -10.22
N LEU A 30 -7.51 7.02 -10.03
CA LEU A 30 -6.99 7.94 -11.04
C LEU A 30 -5.66 7.44 -11.56
N ASP A 31 -5.57 7.38 -12.89
CA ASP A 31 -4.35 7.03 -13.61
C ASP A 31 -3.55 8.31 -13.83
N THR A 32 -2.51 8.52 -13.05
CA THR A 32 -1.76 9.77 -13.13
C THR A 32 -0.71 9.74 -14.25
N ALA A 33 -0.49 8.58 -14.84
CA ALA A 33 0.40 8.51 -15.99
C ALA A 33 -0.29 9.05 -17.24
N HIS A 34 -1.63 9.04 -17.24
CA HIS A 34 -2.39 9.48 -18.40
C HIS A 34 -3.38 10.61 -18.09
N GLY A 35 -3.60 10.89 -16.82
CA GLY A 35 -4.49 11.99 -16.43
C GLY A 35 -5.96 11.67 -16.62
N THR A 36 -6.30 10.39 -16.46
CA THR A 36 -7.66 9.90 -16.70
C THR A 36 -8.07 9.01 -15.56
N PRO A 37 -9.38 8.83 -15.35
CA PRO A 37 -9.74 7.78 -14.39
C PRO A 37 -9.25 6.44 -14.89
N ALA A 38 -8.93 5.54 -13.98
CA ALA A 38 -8.48 4.22 -14.36
C ALA A 38 -9.70 3.31 -14.54
N ALA A 39 -10.18 3.19 -15.77
CA ALA A 39 -11.34 2.36 -16.07
C ALA A 39 -10.92 0.93 -16.32
N ALA A 40 -11.82 -0.02 -16.06
CA ALA A 40 -11.57 -1.43 -16.35
C ALA A 40 -10.36 -1.98 -15.60
N MET A 41 -10.20 -1.56 -14.34
CA MET A 41 -9.21 -2.10 -13.44
C MET A 41 -9.89 -3.11 -12.50
N ARG A 42 -9.29 -4.27 -12.32
CA ARG A 42 -9.82 -5.27 -11.39
C ARG A 42 -9.36 -4.97 -9.97
N VAL A 43 -10.30 -5.05 -9.03
CA VAL A 43 -10.05 -4.73 -7.62
C VAL A 43 -10.78 -5.78 -6.77
N GLU A 44 -10.17 -6.26 -5.70
CA GLU A 44 -10.90 -7.10 -4.74
C GLU A 44 -10.88 -6.49 -3.34
N LEU A 45 -11.96 -6.71 -2.60
CA LEU A 45 -12.03 -6.24 -1.22
C LEU A 45 -11.98 -7.42 -0.26
N TYR A 46 -11.08 -7.33 0.73
CA TYR A 46 -10.96 -8.32 1.80
C TYR A 46 -11.26 -7.75 3.16
N ARG A 47 -11.80 -8.59 4.04
CA ARG A 47 -11.86 -8.27 5.45
C ARG A 47 -10.76 -9.07 6.12
N ILE A 48 -9.93 -8.41 6.94
CA ILE A 48 -8.85 -9.13 7.62
C ILE A 48 -9.35 -9.67 8.95
N ALA A 49 -9.44 -10.99 9.05
CA ALA A 49 -9.96 -11.65 10.25
C ALA A 49 -9.01 -11.49 11.42
N ALA A 50 -9.49 -11.77 12.63
CA ALA A 50 -8.68 -11.69 13.84
C ALA A 50 -7.40 -12.51 13.71
N SER A 51 -7.52 -13.67 13.09
CA SER A 51 -6.37 -14.55 12.86
C SER A 51 -5.31 -13.86 11.99
N GLY A 52 -5.76 -12.95 11.14
CA GLY A 52 -4.85 -12.25 10.25
C GLY A 52 -5.07 -12.66 8.81
N THR A 53 -5.87 -13.71 8.61
CA THR A 53 -6.13 -14.21 7.27
C THR A 53 -7.20 -13.38 6.57
N PRO A 54 -6.93 -12.98 5.33
CA PRO A 54 -7.86 -12.19 4.52
C PRO A 54 -9.07 -13.01 4.08
N GLU A 55 -10.25 -12.47 4.28
CA GLU A 55 -11.48 -13.11 3.77
C GLU A 55 -12.00 -12.31 2.57
N LEU A 56 -12.11 -12.94 1.41
CA LEU A 56 -12.58 -12.22 0.24
C LEU A 56 -14.06 -11.86 0.37
N LEU A 57 -14.37 -10.57 0.23
CA LEU A 57 -15.75 -10.10 0.32
C LEU A 57 -16.37 -9.85 -1.04
N LYS A 58 -15.58 -9.29 -1.95
CA LYS A 58 -16.11 -8.78 -3.21
CA LYS A 58 -16.12 -8.82 -3.22
C LYS A 58 -15.03 -8.69 -4.28
N ARG A 59 -15.38 -9.08 -5.51
CA ARG A 59 -14.57 -8.76 -6.68
CA ARG A 59 -14.57 -8.76 -6.68
C ARG A 59 -15.30 -7.70 -7.49
N VAL A 60 -14.57 -6.69 -7.96
CA VAL A 60 -15.21 -5.63 -8.74
C VAL A 60 -14.34 -5.19 -9.89
N VAL A 61 -14.94 -4.40 -10.77
CA VAL A 61 -14.23 -3.79 -11.91
C VAL A 61 -14.53 -2.30 -11.92
N THR A 62 -13.52 -1.45 -12.08
CA THR A 62 -13.78 -0.02 -12.07
C THR A 62 -14.51 0.42 -13.34
N ASN A 63 -15.39 1.41 -13.19
CA ASN A 63 -16.19 1.89 -14.32
C ASN A 63 -15.45 3.03 -15.07
N LEU A 64 -16.14 3.69 -16.00
CA LEU A 64 -15.48 4.71 -16.84
C LEU A 64 -14.91 5.86 -16.02
N ASP A 65 -15.52 6.13 -14.87
CA ASP A 65 -15.07 7.22 -13.99
C ASP A 65 -14.08 6.72 -12.94
N GLY A 66 -13.61 5.47 -13.06
CA GLY A 66 -12.68 4.91 -12.08
C GLY A 66 -13.28 4.59 -10.73
N ARG A 67 -14.61 4.52 -10.67
CA ARG A 67 -15.30 4.22 -9.42
C ARG A 67 -15.96 2.85 -9.58
N THR A 68 -16.88 2.48 -8.70
CA THR A 68 -17.63 1.23 -8.87
C THR A 68 -19.12 1.55 -8.98
N ASP A 69 -19.84 0.72 -9.71
CA ASP A 69 -21.26 0.97 -9.97
C ASP A 69 -22.13 0.77 -8.73
N ALA A 70 -21.62 0.00 -7.76
CA ALA A 70 -22.24 -0.13 -6.45
C ALA A 70 -21.17 0.14 -5.41
N PRO A 71 -21.57 0.62 -4.22
CA PRO A 71 -20.54 0.81 -3.19
C PRO A 71 -19.83 -0.49 -2.86
N LEU A 72 -18.56 -0.39 -2.47
CA LEU A 72 -17.80 -1.56 -2.03
C LEU A 72 -18.47 -2.21 -0.81
N LEU A 73 -18.90 -1.38 0.13
CA LEU A 73 -19.74 -1.80 1.25
C LEU A 73 -20.88 -0.83 1.38
N SER A 74 -22.09 -1.36 1.49
CA SER A 74 -23.25 -0.53 1.71
C SER A 74 -23.54 -0.51 3.18
N GLY A 75 -24.55 0.24 3.59
CA GLY A 75 -24.88 0.42 4.99
C GLY A 75 -24.99 -0.88 5.73
N ASP A 76 -25.80 -1.78 5.20
CA ASP A 76 -26.08 -3.07 5.83
C ASP A 76 -24.83 -3.96 5.96
N GLU A 77 -23.90 -3.77 5.03
CA GLU A 77 -22.69 -4.59 4.94
C GLU A 77 -21.55 -4.09 5.81
N MET A 78 -21.60 -2.82 6.20
CA MET A 78 -20.51 -2.21 6.96
C MET A 78 -20.31 -2.89 8.32
N ARG A 79 -19.04 -3.12 8.65
CA ARG A 79 -18.65 -3.58 9.98
C ARG A 79 -17.35 -2.89 10.33
N THR A 80 -17.14 -2.60 11.60
CA THR A 80 -15.85 -2.08 12.01
C THR A 80 -14.80 -3.15 11.80
N GLY A 81 -13.55 -2.74 11.62
CA GLY A 81 -12.47 -3.70 11.51
C GLY A 81 -11.42 -3.31 10.48
N ILE A 82 -10.54 -4.26 10.17
CA ILE A 82 -9.47 -3.99 9.22
C ILE A 82 -9.83 -4.62 7.86
N TYR A 83 -9.60 -3.85 6.81
CA TYR A 83 -9.93 -4.23 5.43
C TYR A 83 -8.72 -4.06 4.54
N GLU A 84 -8.77 -4.67 3.36
CA GLU A 84 -7.71 -4.48 2.39
C GLU A 84 -8.29 -4.53 0.99
N LEU A 85 -8.01 -3.49 0.21
CA LEU A 85 -8.36 -3.46 -1.21
C LEU A 85 -7.14 -3.92 -1.96
N GLN A 86 -7.32 -4.76 -2.98
CA GLN A 86 -6.18 -5.18 -3.79
C GLN A 86 -6.42 -4.76 -5.22
N PHE A 87 -5.55 -3.91 -5.74
CA PHE A 87 -5.71 -3.34 -7.09
C PHE A 87 -4.77 -4.02 -8.09
N HIS A 88 -5.30 -4.45 -9.24
CA HIS A 88 -4.47 -5.14 -10.24
C HIS A 88 -3.92 -4.12 -11.24
N VAL A 89 -2.81 -3.51 -10.85
CA VAL A 89 -2.28 -2.33 -11.54
C VAL A 89 -1.44 -2.70 -12.76
N ALA A 90 -0.61 -3.75 -12.68
CA ALA A 90 0.18 -4.12 -13.85
C ALA A 90 -0.71 -4.55 -15.00
N GLU A 91 -1.80 -5.26 -14.69
CA GLU A 91 -2.70 -5.73 -15.76
CA GLU A 91 -2.70 -5.72 -15.75
C GLU A 91 -3.31 -4.52 -16.46
N TYR A 92 -3.72 -3.53 -15.65
CA TYR A 92 -4.29 -2.31 -16.19
C TYR A 92 -3.27 -1.59 -17.09
N PHE A 93 -2.05 -1.39 -16.59
CA PHE A 93 -1.09 -0.61 -17.38
C PHE A 93 -0.57 -1.37 -18.58
N GLU A 94 -0.42 -2.69 -18.46
CA GLU A 94 0.02 -3.49 -19.59
CA GLU A 94 0.01 -3.50 -19.59
C GLU A 94 -0.97 -3.37 -20.74
N GLY A 95 -2.25 -3.38 -20.41
CA GLY A 95 -3.27 -3.28 -21.44
C GLY A 95 -3.22 -1.92 -22.12
N ARG A 96 -2.87 -0.89 -21.34
CA ARG A 96 -2.77 0.47 -21.86
C ARG A 96 -1.44 0.72 -22.57
N GLY A 97 -0.61 -0.31 -22.70
CA GLY A 97 0.61 -0.22 -23.49
C GLY A 97 1.89 0.13 -22.75
N ALA A 98 1.88 0.00 -21.43
CA ALA A 98 3.06 0.33 -20.61
C ALA A 98 4.21 -0.62 -20.90
N GLU A 99 5.43 -0.09 -20.80
CA GLU A 99 6.64 -0.91 -20.91
C GLU A 99 7.11 -1.34 -19.52
N LEU A 100 6.66 -2.52 -19.08
CA LEU A 100 7.00 -2.98 -17.73
C LEU A 100 8.08 -4.05 -17.73
N ALA A 101 8.82 -4.12 -16.63
CA ALA A 101 9.86 -5.15 -16.47
C ALA A 101 9.21 -6.52 -16.33
N HIS A 102 10.00 -7.58 -16.50
CA HIS A 102 9.46 -8.94 -16.45
C HIS A 102 8.82 -9.17 -15.10
N GLU A 103 9.44 -8.57 -14.08
CA GLU A 103 8.87 -8.48 -12.75
C GLU A 103 8.53 -7.01 -12.50
N PRO A 104 7.26 -6.62 -12.70
CA PRO A 104 6.91 -5.20 -12.65
C PRO A 104 7.15 -4.58 -11.28
N PHE A 105 7.48 -3.30 -11.26
CA PHE A 105 7.70 -2.67 -9.97
C PHE A 105 6.41 -2.69 -9.17
N LEU A 106 5.29 -2.42 -9.83
CA LEU A 106 4.00 -2.53 -9.15
C LEU A 106 3.12 -3.51 -9.93
N ASP A 107 2.59 -4.52 -9.23
CA ASP A 107 1.71 -5.49 -9.86
C ASP A 107 0.40 -5.43 -9.09
N LEU A 108 0.32 -6.12 -7.95
CA LEU A 108 -0.85 -6.01 -7.09
C LEU A 108 -0.56 -5.00 -6.00
N ILE A 109 -1.43 -4.00 -5.84
CA ILE A 109 -1.23 -3.02 -4.77
C ILE A 109 -2.25 -3.26 -3.67
N PRO A 110 -1.79 -3.62 -2.47
CA PRO A 110 -2.71 -3.73 -1.34
C PRO A 110 -2.83 -2.39 -0.61
N ILE A 111 -4.06 -1.95 -0.35
CA ILE A 111 -4.28 -0.80 0.53
CA ILE A 111 -4.28 -0.81 0.53
C ILE A 111 -5.04 -1.32 1.74
N ARG A 112 -4.34 -1.36 2.88
CA ARG A 112 -4.91 -1.84 4.13
CA ARG A 112 -4.88 -1.85 4.13
C ARG A 112 -5.31 -0.66 4.99
N PHE A 113 -6.52 -0.74 5.55
CA PHE A 113 -7.04 0.38 6.32
C PHE A 113 -8.09 -0.11 7.31
N GLY A 114 -8.38 0.72 8.31
CA GLY A 114 -9.36 0.37 9.31
C GLY A 114 -10.65 1.18 9.18
N ILE A 115 -11.75 0.54 9.53
CA ILE A 115 -13.05 1.21 9.64
C ILE A 115 -13.44 1.21 11.12
N ALA A 116 -13.58 2.40 11.70
CA ALA A 116 -13.89 2.54 13.13
C ALA A 116 -15.36 2.76 13.43
N ASP A 117 -16.13 3.17 12.42
CA ASP A 117 -17.52 3.56 12.64
C ASP A 117 -18.36 2.93 11.54
N GLU A 118 -19.24 2.00 11.88
CA GLU A 118 -19.93 1.27 10.82
C GLU A 118 -20.95 2.17 10.13
N ASP A 119 -21.24 3.32 10.74
CA ASP A 119 -22.13 4.31 10.14
C ASP A 119 -21.36 5.42 9.42
N GLY A 120 -20.05 5.27 9.31
CA GLY A 120 -19.24 6.29 8.69
C GLY A 120 -19.17 6.14 7.17
N ASN A 121 -18.85 7.24 6.49
CA ASN A 121 -18.65 7.25 5.05
CA ASN A 121 -18.65 7.21 5.05
C ASN A 121 -17.16 7.23 4.74
N TYR A 122 -16.64 6.10 4.30
CA TYR A 122 -15.21 5.97 4.05
C TYR A 122 -14.93 5.99 2.56
N HIS A 123 -14.13 6.95 2.12
CA HIS A 123 -13.69 7.02 0.72
C HIS A 123 -12.19 6.72 0.65
N VAL A 124 -11.79 5.80 -0.20
CA VAL A 124 -10.36 5.48 -0.31
C VAL A 124 -9.90 5.67 -1.76
N PRO A 125 -9.62 6.92 -2.16
CA PRO A 125 -9.12 7.18 -3.51
C PRO A 125 -7.72 6.63 -3.70
N LEU A 126 -7.41 6.21 -4.93
CA LEU A 126 -6.04 5.78 -5.27
C LEU A 126 -5.57 6.60 -6.47
N LEU A 127 -4.37 7.17 -6.37
CA LEU A 127 -3.69 7.78 -7.51
C LEU A 127 -2.59 6.83 -7.90
N VAL A 128 -2.45 6.49 -9.18
CA VAL A 128 -1.45 5.49 -9.49
C VAL A 128 -0.82 5.65 -10.88
N SER A 129 0.49 5.43 -10.93
CA SER A 129 1.22 5.19 -12.17
C SER A 129 1.98 3.87 -12.01
N PRO A 130 2.65 3.37 -13.06
CA PRO A 130 3.35 2.11 -12.84
C PRO A 130 4.52 2.22 -11.84
N TRP A 131 4.88 3.44 -11.42
CA TRP A 131 6.05 3.61 -10.56
C TRP A 131 5.78 4.51 -9.36
N SER A 132 4.51 4.74 -9.07
CA SER A 132 4.13 5.62 -7.94
C SER A 132 2.69 5.40 -7.57
N TYR A 133 2.36 5.59 -6.30
CA TYR A 133 0.94 5.70 -5.97
C TYR A 133 0.74 6.43 -4.65
N SER A 134 -0.49 6.88 -4.44
CA SER A 134 -0.82 7.60 -3.21
C SER A 134 -2.28 7.36 -2.88
N THR A 135 -2.59 7.40 -1.59
CA THR A 135 -3.96 7.18 -1.17
C THR A 135 -4.19 8.02 0.08
N TYR A 136 -5.45 8.20 0.44
CA TYR A 136 -5.80 9.02 1.59
C TYR A 136 -7.23 8.76 1.99
N ARG A 137 -7.57 9.08 3.24
CA ARG A 137 -8.97 9.02 3.65
C ARG A 137 -9.69 10.23 3.08
N GLY A 138 -10.57 9.98 2.13
CA GLY A 138 -11.26 11.06 1.43
C GLY A 138 -12.34 11.71 2.26
N SER A 139 -12.83 12.85 1.78
CA SER A 139 -13.87 13.60 2.48
C SER A 139 -15.13 13.66 1.64
N MET B 22 26.95 -4.26 -5.83
CA MET B 22 25.99 -4.25 -6.94
C MET B 22 24.61 -3.77 -6.48
N GLY B 23 23.62 -4.67 -6.50
CA GLY B 23 22.25 -4.30 -6.19
C GLY B 23 21.99 -3.89 -4.76
N LYS B 24 20.91 -3.16 -4.55
CA LYS B 24 20.58 -2.64 -3.22
C LYS B 24 19.09 -2.32 -3.12
N LEU B 25 18.51 -2.55 -1.95
CA LEU B 25 17.16 -2.06 -1.64
C LEU B 25 17.22 -1.15 -0.42
N SER B 26 16.59 0.02 -0.51
CA SER B 26 16.61 0.99 0.59
C SER B 26 15.28 1.71 0.69
N THR B 27 15.02 2.28 1.86
CA THR B 27 13.82 3.07 2.04
C THR B 27 14.13 4.35 2.81
N HIS B 28 13.14 5.23 2.94
CA HIS B 28 13.30 6.51 3.60
C HIS B 28 11.89 6.96 3.93
N VAL B 29 11.60 7.16 5.21
CA VAL B 29 10.24 7.48 5.61
C VAL B 29 10.17 8.92 6.07
N LEU B 30 9.24 9.67 5.49
CA LEU B 30 9.02 11.09 5.83
C LEU B 30 7.65 11.27 6.43
N ASP B 31 7.62 11.93 7.58
CA ASP B 31 6.40 12.27 8.30
C ASP B 31 5.87 13.60 7.78
N THR B 32 4.82 13.54 6.96
CA THR B 32 4.26 14.76 6.36
C THR B 32 3.28 15.51 7.24
N ALA B 33 2.81 14.87 8.31
CA ALA B 33 2.00 15.58 9.28
C ALA B 33 2.87 16.60 10.02
N HIS B 34 4.16 16.27 10.23
CA HIS B 34 5.01 17.11 11.08
C HIS B 34 6.20 17.75 10.38
N GLY B 35 6.48 17.34 9.14
CA GLY B 35 7.56 17.91 8.37
C GLY B 35 8.93 17.44 8.82
N THR B 36 8.99 16.21 9.32
CA THR B 36 10.22 15.62 9.85
C THR B 36 10.45 14.26 9.22
N PRO B 37 11.67 13.74 9.29
CA PRO B 37 11.80 12.32 9.01
C PRO B 37 10.95 11.52 10.01
N ALA B 38 10.52 10.33 9.63
CA ALA B 38 9.82 9.47 10.58
C ALA B 38 10.84 8.58 11.27
N ALA B 39 11.37 9.07 12.39
CA ALA B 39 12.37 8.35 13.17
C ALA B 39 11.70 7.32 14.07
N ALA B 40 12.43 6.24 14.38
CA ALA B 40 11.97 5.25 15.35
C ALA B 40 10.63 4.65 14.96
N MET B 41 10.49 4.36 13.66
CA MET B 41 9.37 3.58 13.14
C MET B 41 9.79 2.13 12.91
N ARG B 42 8.97 1.18 13.35
CA ARG B 42 9.25 -0.23 13.08
C ARG B 42 8.82 -0.61 11.66
N VAL B 43 9.70 -1.32 10.96
CA VAL B 43 9.44 -1.78 9.59
C VAL B 43 9.89 -3.25 9.45
N GLU B 44 9.13 -4.06 8.75
CA GLU B 44 9.60 -5.41 8.39
C GLU B 44 9.62 -5.60 6.88
N LEU B 45 10.59 -6.40 6.44
CA LEU B 45 10.73 -6.76 5.03
C LEU B 45 10.39 -8.23 4.82
N TYR B 46 9.50 -8.49 3.87
CA TYR B 46 9.13 -9.86 3.48
C TYR B 46 9.44 -10.14 2.02
N ARG B 47 9.74 -11.39 1.72
CA ARG B 47 9.75 -11.87 0.34
C ARG B 47 8.46 -12.66 0.15
N ILE B 48 7.71 -12.36 -0.91
CA ILE B 48 6.48 -13.08 -1.17
C ILE B 48 6.81 -14.33 -1.98
N ALA B 49 6.63 -15.49 -1.36
CA ALA B 49 7.06 -16.76 -1.97
C ALA B 49 6.15 -17.16 -3.12
N ALA B 50 6.50 -18.28 -3.76
CA ALA B 50 5.75 -18.81 -4.89
C ALA B 50 4.30 -19.09 -4.50
N SER B 51 4.12 -19.71 -3.34
CA SER B 51 2.78 -20.00 -2.84
C SER B 51 2.00 -18.72 -2.59
N GLY B 52 2.71 -17.64 -2.34
CA GLY B 52 2.10 -16.37 -2.01
C GLY B 52 2.32 -16.09 -0.54
N THR B 53 2.93 -17.05 0.14
CA THR B 53 3.22 -16.94 1.57
C THR B 53 4.39 -16.00 1.81
N PRO B 54 4.19 -14.98 2.65
CA PRO B 54 5.24 -14.01 2.98
C PRO B 54 6.29 -14.60 3.90
N GLU B 55 7.54 -14.56 3.46
CA GLU B 55 8.66 -15.00 4.27
C GLU B 55 9.35 -13.80 4.91
N LEU B 56 9.38 -13.73 6.24
CA LEU B 56 10.06 -12.64 6.91
C LEU B 56 11.56 -12.66 6.65
N LEU B 57 12.10 -11.56 6.12
CA LEU B 57 13.53 -11.47 5.88
C LEU B 57 14.24 -10.68 6.98
N LYS B 58 13.62 -9.59 7.45
CA LYS B 58 14.29 -8.64 8.33
CA LYS B 58 14.23 -8.82 8.52
C LYS B 58 13.28 -7.82 9.16
N ARG B 59 13.63 -7.49 10.39
CA ARG B 59 12.91 -6.50 11.19
C ARG B 59 13.88 -5.36 11.43
N VAL B 60 13.49 -4.14 11.12
CA VAL B 60 14.38 -3.00 11.30
C VAL B 60 13.64 -1.84 11.95
N VAL B 61 14.40 -0.81 12.33
CA VAL B 61 13.86 0.40 12.93
C VAL B 61 14.43 1.58 12.15
N THR B 62 13.62 2.61 11.87
CA THR B 62 14.18 3.76 11.14
C THR B 62 15.02 4.60 12.09
N ASN B 63 16.09 5.17 11.53
CA ASN B 63 16.97 6.01 12.31
C ASN B 63 16.49 7.47 12.36
N LEU B 64 17.32 8.36 12.90
CA LEU B 64 16.90 9.75 13.07
C LEU B 64 16.60 10.45 11.76
N ASP B 65 17.09 9.91 10.64
CA ASP B 65 16.80 10.53 9.35
CA ASP B 65 16.86 10.48 9.32
C ASP B 65 15.74 9.76 8.57
N GLY B 66 15.04 8.85 9.26
CA GLY B 66 13.98 8.09 8.61
C GLY B 66 14.49 7.01 7.68
N ARG B 67 15.78 6.71 7.77
CA ARG B 67 16.39 5.70 6.91
C ARG B 67 16.77 4.48 7.75
N THR B 68 17.52 3.54 7.19
CA THR B 68 17.98 2.42 7.99
C THR B 68 19.50 2.44 8.00
N ASP B 69 20.09 2.01 9.11
CA ASP B 69 21.54 2.08 9.29
C ASP B 69 22.27 1.10 8.35
N ALA B 70 21.56 0.09 7.88
CA ALA B 70 22.09 -0.81 6.86
C ALA B 70 21.05 -0.96 5.74
N PRO B 71 21.48 -1.25 4.50
CA PRO B 71 20.50 -1.42 3.43
C PRO B 71 19.53 -2.56 3.75
N LEU B 72 18.29 -2.45 3.28
CA LEU B 72 17.31 -3.50 3.48
C LEU B 72 17.78 -4.79 2.82
N LEU B 73 18.28 -4.68 1.60
CA LEU B 73 18.95 -5.78 0.92
C LEU B 73 20.21 -5.27 0.24
N SER B 74 21.24 -6.10 0.20
CA SER B 74 22.49 -5.72 -0.46
CA SER B 74 22.48 -5.72 -0.47
C SER B 74 23.21 -6.94 -1.00
N GLY B 75 23.99 -6.74 -2.07
CA GLY B 75 24.80 -7.81 -2.64
C GLY B 75 24.04 -9.07 -2.95
N ASP B 76 24.45 -10.18 -2.33
CA ASP B 76 23.86 -11.48 -2.61
C ASP B 76 22.42 -11.59 -2.09
N GLU B 77 22.05 -10.69 -1.17
CA GLU B 77 20.68 -10.67 -0.65
C GLU B 77 19.70 -10.30 -1.75
N MET B 78 20.15 -9.50 -2.71
CA MET B 78 19.29 -9.06 -3.81
C MET B 78 18.91 -10.23 -4.69
N ARG B 79 17.63 -10.59 -4.68
CA ARG B 79 17.13 -11.59 -5.61
C ARG B 79 15.88 -11.07 -6.28
N THR B 80 15.71 -11.35 -7.56
CA THR B 80 14.50 -10.92 -8.25
C THR B 80 13.28 -11.57 -7.63
N GLY B 81 12.17 -10.86 -7.60
CA GLY B 81 10.96 -11.42 -7.04
C GLY B 81 10.03 -10.34 -6.51
N ILE B 82 9.01 -10.76 -5.79
CA ILE B 82 8.06 -9.83 -5.19
C ILE B 82 8.36 -9.67 -3.70
N TYR B 83 8.43 -8.43 -3.23
CA TYR B 83 8.74 -8.13 -1.84
C TYR B 83 7.64 -7.30 -1.22
N GLU B 84 7.62 -7.23 0.10
CA GLU B 84 6.66 -6.38 0.77
C GLU B 84 7.28 -5.79 2.02
N LEU B 85 7.24 -4.47 2.12
CA LEU B 85 7.63 -3.77 3.33
C LEU B 85 6.37 -3.52 4.17
N GLN B 86 6.46 -3.70 5.48
CA GLN B 86 5.31 -3.40 6.32
C GLN B 86 5.71 -2.36 7.36
N PHE B 87 5.02 -1.23 7.35
CA PHE B 87 5.35 -0.10 8.22
C PHE B 87 4.35 0.04 9.35
N HIS B 88 4.86 0.19 10.58
CA HIS B 88 3.99 0.33 11.74
C HIS B 88 3.68 1.80 12.00
N VAL B 89 2.70 2.30 11.25
CA VAL B 89 2.41 3.74 11.20
C VAL B 89 1.55 4.20 12.38
N ALA B 90 0.52 3.45 12.77
CA ALA B 90 -0.29 3.89 13.92
C ALA B 90 0.60 3.96 15.16
N GLU B 91 1.49 2.98 15.31
CA GLU B 91 2.37 2.95 16.47
C GLU B 91 3.23 4.20 16.52
N TYR B 92 3.78 4.56 15.37
CA TYR B 92 4.60 5.76 15.24
C TYR B 92 3.80 7.00 15.60
N PHE B 93 2.63 7.18 14.98
CA PHE B 93 1.89 8.40 15.24
C PHE B 93 1.30 8.48 16.63
N GLU B 94 0.87 7.35 17.18
CA GLU B 94 0.34 7.35 18.56
C GLU B 94 1.43 7.74 19.55
N GLY B 95 2.64 7.27 19.29
CA GLY B 95 3.78 7.62 20.13
C GLY B 95 4.06 9.12 20.07
N ARG B 96 3.84 9.71 18.90
CA ARG B 96 4.08 11.13 18.66
C ARG B 96 2.95 12.00 19.18
N GLY B 97 1.87 11.39 19.66
CA GLY B 97 0.80 12.14 20.30
C GLY B 97 -0.50 12.22 19.52
N ALA B 98 -0.56 11.54 18.38
CA ALA B 98 -1.76 11.58 17.54
C ALA B 98 -2.96 10.99 18.27
N GLU B 99 -4.13 11.57 18.05
CA GLU B 99 -5.36 11.00 18.56
C GLU B 99 -6.05 10.28 17.41
N LEU B 100 -5.98 8.95 17.43
CA LEU B 100 -6.52 8.16 16.33
C LEU B 100 -7.81 7.48 16.76
N ALA B 101 -8.62 7.05 15.80
CA ALA B 101 -9.84 6.33 16.11
C ALA B 101 -9.49 4.97 16.73
N HIS B 102 -10.46 4.35 17.39
CA HIS B 102 -10.20 3.09 18.09
C HIS B 102 -9.68 2.04 17.12
N GLU B 103 -10.23 2.04 15.92
CA GLU B 103 -9.65 1.30 14.82
C GLU B 103 -9.04 2.32 13.87
N PRO B 104 -7.72 2.52 13.90
CA PRO B 104 -7.13 3.61 13.12
C PRO B 104 -7.34 3.43 11.63
N PHE B 105 -7.47 4.52 10.90
CA PHE B 105 -7.56 4.42 9.44
C PHE B 105 -6.31 3.75 8.87
N LEU B 106 -5.13 4.14 9.37
CA LEU B 106 -3.88 3.48 8.97
C LEU B 106 -3.21 2.90 10.19
N ASP B 107 -2.89 1.61 10.15
CA ASP B 107 -2.21 0.96 11.27
C ASP B 107 -0.94 0.38 10.69
N LEU B 108 -1.03 -0.80 10.09
CA LEU B 108 0.08 -1.39 9.36
C LEU B 108 -0.07 -1.08 7.89
N ILE B 109 0.97 -0.53 7.27
CA ILE B 109 0.91 -0.23 5.82
C ILE B 109 1.82 -1.18 5.07
N PRO B 110 1.25 -2.02 4.20
CA PRO B 110 2.06 -2.88 3.34
C PRO B 110 2.38 -2.18 2.04
N ILE B 111 3.65 -2.19 1.65
CA ILE B 111 4.04 -1.70 0.33
CA ILE B 111 4.04 -1.71 0.33
C ILE B 111 4.61 -2.91 -0.41
N ARG B 112 3.86 -3.38 -1.41
CA ARG B 112 4.25 -4.56 -2.18
C ARG B 112 4.85 -4.13 -3.51
N PHE B 113 5.97 -4.70 -3.90
CA PHE B 113 6.64 -4.25 -5.13
C PHE B 113 7.52 -5.36 -5.69
N GLY B 114 7.92 -5.22 -6.94
CA GLY B 114 8.74 -6.22 -7.60
C GLY B 114 10.15 -5.72 -7.86
N ILE B 115 11.11 -6.61 -7.72
CA ILE B 115 12.49 -6.36 -8.09
C ILE B 115 12.83 -7.18 -9.31
N ALA B 116 13.17 -6.51 -10.41
CA ALA B 116 13.44 -7.20 -11.67
C ALA B 116 14.93 -7.36 -11.94
N ASP B 117 15.75 -6.47 -11.41
CA ASP B 117 17.16 -6.45 -11.72
C ASP B 117 17.97 -6.59 -10.43
N GLU B 118 18.63 -7.75 -10.27
CA GLU B 118 19.37 -8.02 -9.05
C GLU B 118 20.54 -7.06 -8.85
N ASP B 119 20.96 -6.42 -9.93
CA ASP B 119 22.05 -5.44 -9.87
C ASP B 119 21.54 -4.01 -9.78
N GLY B 120 20.22 -3.84 -9.80
CA GLY B 120 19.63 -2.53 -9.75
C GLY B 120 19.59 -1.94 -8.35
N ASN B 121 19.50 -0.61 -8.29
CA ASN B 121 19.39 0.08 -7.03
C ASN B 121 17.94 0.52 -6.86
N TYR B 122 17.24 -0.11 -5.92
CA TYR B 122 15.84 0.18 -5.68
C TYR B 122 15.68 1.02 -4.43
N HIS B 123 15.23 2.26 -4.60
CA HIS B 123 15.04 3.17 -3.47
C HIS B 123 13.58 3.53 -3.41
N VAL B 124 12.92 3.16 -2.30
CA VAL B 124 11.47 3.26 -2.21
C VAL B 124 11.04 4.13 -1.02
N PRO B 125 10.94 5.46 -1.23
CA PRO B 125 10.52 6.33 -0.13
C PRO B 125 9.04 6.15 0.21
N LEU B 126 8.72 6.45 1.46
CA LEU B 126 7.33 6.49 1.92
C LEU B 126 7.07 7.84 2.55
N LEU B 127 6.05 8.55 2.07
CA LEU B 127 5.59 9.79 2.69
C LEU B 127 4.33 9.44 3.46
N VAL B 128 4.25 9.80 4.73
CA VAL B 128 3.08 9.36 5.47
C VAL B 128 2.54 10.35 6.52
N SER B 129 1.22 10.40 6.62
CA SER B 129 0.51 11.05 7.72
CA SER B 129 0.49 11.05 7.71
C SER B 129 -0.50 10.04 8.25
N PRO B 130 -1.23 10.38 9.34
CA PRO B 130 -2.14 9.31 9.80
C PRO B 130 -3.31 9.04 8.88
N TRP B 131 -3.53 9.90 7.90
CA TRP B 131 -4.68 9.72 7.02
C TRP B 131 -4.32 9.78 5.54
N SER B 132 -3.04 9.58 5.23
CA SER B 132 -2.62 9.61 3.83
C SER B 132 -1.22 9.03 3.70
N TYR B 133 -0.90 8.45 2.55
CA TYR B 133 0.49 8.12 2.28
C TYR B 133 0.78 8.02 0.80
N SER B 134 2.05 8.09 0.45
CA SER B 134 2.42 7.96 -0.95
C SER B 134 3.77 7.30 -1.05
N THR B 135 4.01 6.61 -2.14
CA THR B 135 5.29 5.93 -2.29
C THR B 135 5.61 5.91 -3.79
N TYR B 136 6.87 5.65 -4.11
CA TYR B 136 7.30 5.69 -5.50
C TYR B 136 8.65 5.03 -5.63
N ARG B 137 9.01 4.64 -6.84
CA ARG B 137 10.40 4.28 -7.07
C ARG B 137 11.21 5.56 -7.23
N GLY B 138 12.10 5.80 -6.27
CA GLY B 138 12.90 7.01 -6.27
C GLY B 138 14.23 6.74 -6.92
N SER B 139 15.22 7.55 -6.55
CA SER B 139 16.59 7.35 -7.03
C SER B 139 17.58 7.83 -6.00
CL CL C . 8.29 -2.00 -14.12
CL CL D . -13.95 7.42 -3.15
CL CL E . -7.79 7.33 12.64
C1 CIT F . 14.68 10.32 -0.98
O1 CIT F . 15.18 9.99 -2.09
O2 CIT F . 14.72 9.52 -0.01
C2 CIT F . 14.03 11.68 -0.76
C3 CIT F . 15.07 12.78 -0.80
O7 CIT F . 16.11 12.48 0.11
C4 CIT F . 14.43 14.11 -0.49
C5 CIT F . 14.68 14.49 0.96
O3 CIT F . 15.49 15.41 1.23
O4 CIT F . 14.07 13.87 1.88
C6 CIT F . 15.61 12.91 -2.20
O5 CIT F . 14.79 13.09 -3.14
O6 CIT F . 16.84 12.85 -2.40
#